data_6NUK
#
_entry.id   6NUK
#
_cell.length_a   69.210
_cell.length_b   69.210
_cell.length_c   90.590
_cell.angle_alpha   90.00
_cell.angle_beta   90.00
_cell.angle_gamma   90.00
#
_symmetry.space_group_name_H-M   'P 42 21 2'
#
loop_
_entity.id
_entity.type
_entity.pdbx_description
1 polymer Ferredog-Diesel
2 water water
#
_entity_poly.entity_id   1
_entity_poly.type   'polypeptide(L)'
_entity_poly.pdbx_seq_one_letter_code
;MGHHHHHHGWSENLYFQGSTVRIEIRFTNMRREEVQKELEKFKERLKELEKRTGSEIRIEIEERDGEVRVEVEIRNSHEE
EVRQIIEEIERWVRKMGGELRVEK
;
_entity_poly.pdbx_strand_id   A,B
#
# COMPACT_ATOMS: atom_id res chain seq x y z
N HIS A 4 10.96 44.38 2.93
CA HIS A 4 10.61 44.00 4.29
C HIS A 4 10.34 42.50 4.37
N HIS A 5 10.74 41.89 5.48
CA HIS A 5 10.65 40.44 5.67
C HIS A 5 9.40 40.08 6.44
N HIS A 6 8.75 38.99 6.04
CA HIS A 6 7.50 38.56 6.65
C HIS A 6 7.55 37.10 7.03
N HIS A 7 6.76 36.77 8.04
CA HIS A 7 6.60 35.39 8.48
C HIS A 7 5.11 35.12 8.68
N HIS A 8 4.63 34.04 8.07
CA HIS A 8 3.32 33.50 8.37
C HIS A 8 3.50 32.10 8.91
N GLY A 9 2.90 31.83 10.07
CA GLY A 9 3.00 30.52 10.68
C GLY A 9 1.63 30.02 11.05
N TRP A 10 1.49 28.69 11.00
CA TRP A 10 0.25 28.02 11.37
C TRP A 10 0.63 26.69 11.98
N SER A 11 -0.01 26.33 13.10
CA SER A 11 0.27 25.05 13.74
C SER A 11 -1.00 24.50 14.34
N GLU A 12 -1.05 23.18 14.42
CA GLU A 12 -2.14 22.47 15.09
C GLU A 12 -1.54 21.34 15.91
N ASN A 13 -1.96 21.25 17.15
CA ASN A 13 -1.51 20.21 18.05
C ASN A 13 -2.72 19.51 18.64
N LEU A 14 -2.67 18.18 18.63
CA LEU A 14 -3.76 17.34 19.11
C LEU A 14 -3.23 16.47 20.22
N TYR A 15 -3.90 16.52 21.38
CA TYR A 15 -3.56 15.68 22.52
C TYR A 15 -4.76 14.80 22.84
N PHE A 16 -4.56 13.48 22.83
CA PHE A 16 -5.67 12.55 23.01
C PHE A 16 -5.14 11.26 23.62
N GLN A 17 -6.06 10.36 23.92
CA GLN A 17 -5.74 9.06 24.46
C GLN A 17 -6.43 8.01 23.61
N GLY A 18 -5.87 6.81 23.59
CA GLY A 18 -6.49 5.69 22.91
C GLY A 18 -5.68 5.19 21.74
N SER A 19 -6.24 4.22 21.06
CA SER A 19 -5.59 3.58 19.91
C SER A 19 -5.77 4.43 18.66
N THR A 20 -4.78 4.36 17.77
CA THR A 20 -4.82 5.10 16.53
C THR A 20 -4.23 4.24 15.44
N VAL A 21 -4.90 4.19 14.29
CA VAL A 21 -4.40 3.56 13.08
C VAL A 21 -4.25 4.65 12.03
N ARG A 22 -3.10 4.70 11.39
CA ARG A 22 -2.84 5.69 10.35
C ARG A 22 -2.62 4.98 9.02
N ILE A 23 -3.27 5.49 7.98
CA ILE A 23 -3.15 4.99 6.61
C ILE A 23 -2.75 6.16 5.74
N GLU A 24 -1.72 5.98 4.92
CA GLU A 24 -1.26 7.03 4.04
C GLU A 24 -1.24 6.50 2.60
N ILE A 25 -1.67 7.31 1.64
CA ILE A 25 -1.47 7.00 0.23
C ILE A 25 -0.81 8.18 -0.48
N ARG A 26 0.02 7.84 -1.45
CA ARG A 26 0.66 8.84 -2.30
C ARG A 26 0.50 8.37 -3.74
N PHE A 27 0.05 9.26 -4.60
CA PHE A 27 -0.02 8.92 -6.02
C PHE A 27 0.14 10.16 -6.88
N THR A 28 0.41 9.93 -8.14
CA THR A 28 0.46 10.95 -9.17
C THR A 28 -0.68 10.68 -10.14
N ASN A 29 -1.44 11.72 -10.51
CA ASN A 29 -2.59 11.52 -11.37
C ASN A 29 -2.60 12.54 -12.49
N MET A 30 -3.36 12.21 -13.54
CA MET A 30 -3.54 13.05 -14.70
C MET A 30 -5.03 13.20 -15.01
N ARG A 31 -5.87 13.11 -13.99
CA ARG A 31 -7.30 13.46 -14.07
C ARG A 31 -7.55 14.34 -12.85
N ARG A 32 -7.14 15.60 -12.95
CA ARG A 32 -7.14 16.48 -11.78
C ARG A 32 -8.56 16.72 -11.25
N GLU A 33 -9.48 17.09 -12.14
CA GLU A 33 -10.83 17.35 -11.64
C GLU A 33 -11.53 16.08 -11.20
N GLU A 34 -11.27 14.96 -11.89
CA GLU A 34 -11.87 13.69 -11.50
C GLU A 34 -11.39 13.30 -10.10
N VAL A 35 -10.07 13.31 -9.89
CA VAL A 35 -9.53 12.97 -8.57
C VAL A 35 -10.06 13.91 -7.50
N GLN A 36 -10.22 15.20 -7.83
CA GLN A 36 -10.77 16.14 -6.86
C GLN A 36 -12.15 15.69 -6.40
N LYS A 37 -13.02 15.33 -7.35
CA LYS A 37 -14.36 14.88 -7.00
C LYS A 37 -14.34 13.52 -6.29
N GLU A 38 -13.36 12.67 -6.60
CA GLU A 38 -13.25 11.42 -5.86
C GLU A 38 -12.85 11.68 -4.41
N LEU A 39 -11.88 12.58 -4.21
CA LEU A 39 -11.49 12.97 -2.86
C LEU A 39 -12.66 13.56 -2.10
N GLU A 40 -13.49 14.37 -2.76
CA GLU A 40 -14.69 14.89 -2.11
C GLU A 40 -15.68 13.78 -1.81
N LYS A 41 -15.71 12.73 -2.63
CA LYS A 41 -16.57 11.58 -2.33
C LYS A 41 -15.99 10.76 -1.19
N PHE A 42 -14.66 10.57 -1.19
CA PHE A 42 -14.02 9.78 -0.14
C PHE A 42 -14.17 10.45 1.21
N LYS A 43 -13.98 11.77 1.27
CA LYS A 43 -14.24 12.50 2.50
C LYS A 43 -15.69 12.31 2.96
N GLU A 44 -16.63 12.31 2.01
CA GLU A 44 -18.02 12.09 2.37
C GLU A 44 -18.27 10.69 2.89
N ARG A 45 -17.59 9.69 2.31
CA ARG A 45 -17.73 8.32 2.81
C ARG A 45 -17.10 8.17 4.19
N LEU A 46 -15.98 8.85 4.44
CA LEU A 46 -15.37 8.76 5.76
C LEU A 46 -16.27 9.40 6.81
N LYS A 47 -16.97 10.49 6.44
CA LYS A 47 -17.92 11.11 7.35
C LYS A 47 -19.08 10.15 7.65
N GLU A 48 -19.55 9.43 6.62
CA GLU A 48 -20.59 8.43 6.83
C GLU A 48 -20.11 7.32 7.74
N LEU A 49 -18.92 6.79 7.46
CA LEU A 49 -18.36 5.72 8.27
C LEU A 49 -18.12 6.18 9.71
N GLU A 50 -17.71 7.44 9.88
CA GLU A 50 -17.55 7.97 11.24
C GLU A 50 -18.90 8.11 11.94
N LYS A 51 -19.95 8.49 11.20
CA LYS A 51 -21.24 8.70 11.82
C LYS A 51 -21.81 7.40 12.39
N ARG A 52 -21.73 6.32 11.63
CA ARG A 52 -22.32 5.06 12.07
C ARG A 52 -21.41 4.28 13.01
N THR A 53 -20.26 4.83 13.39
CA THR A 53 -19.36 4.18 14.32
C THR A 53 -19.03 5.12 15.47
N GLY A 54 -18.50 4.55 16.54
CA GLY A 54 -18.08 5.33 17.68
C GLY A 54 -16.72 5.96 17.51
N SER A 55 -16.09 5.77 16.35
CA SER A 55 -14.74 6.25 16.14
C SER A 55 -14.74 7.71 15.70
N GLU A 56 -13.53 8.28 15.71
CA GLU A 56 -13.26 9.61 15.21
C GLU A 56 -12.29 9.48 14.05
N ILE A 57 -12.55 10.20 12.96
CA ILE A 57 -11.74 10.08 11.76
C ILE A 57 -11.20 11.45 11.37
N ARG A 58 -9.89 11.51 11.11
CA ARG A 58 -9.24 12.70 10.60
C ARG A 58 -8.62 12.37 9.24
N ILE A 59 -8.84 13.23 8.26
CA ILE A 59 -8.25 13.03 6.93
C ILE A 59 -7.45 14.28 6.55
N GLU A 60 -6.22 14.07 6.08
CA GLU A 60 -5.34 15.14 5.61
C GLU A 60 -5.02 14.90 4.14
N ILE A 61 -5.15 15.93 3.32
CA ILE A 61 -4.91 15.85 1.89
C ILE A 61 -3.93 16.93 1.48
N GLU A 62 -2.88 16.53 0.75
CA GLU A 62 -1.94 17.50 0.20
C GLU A 62 -1.79 17.30 -1.29
N GLU A 63 -1.90 18.38 -2.04
CA GLU A 63 -1.84 18.36 -3.48
C GLU A 63 -0.78 19.33 -3.97
N ARG A 64 0.14 18.85 -4.78
CA ARG A 64 1.17 19.67 -5.39
C ARG A 64 1.25 19.28 -6.86
N ASP A 65 0.61 20.06 -7.71
CA ASP A 65 0.67 19.92 -9.17
C ASP A 65 0.59 18.45 -9.60
N GLY A 66 -0.50 17.80 -9.23
CA GLY A 66 -0.73 16.42 -9.62
C GLY A 66 -0.26 15.37 -8.63
N GLU A 67 0.69 15.69 -7.74
CA GLU A 67 1.10 14.78 -6.69
C GLU A 67 0.15 14.91 -5.51
N VAL A 68 -0.43 13.80 -5.09
CA VAL A 68 -1.46 13.81 -4.06
C VAL A 68 -1.02 12.87 -2.93
N ARG A 69 -1.09 13.37 -1.70
CA ARG A 69 -0.82 12.58 -0.51
C ARG A 69 -2.04 12.65 0.40
N VAL A 70 -2.51 11.50 0.86
CA VAL A 70 -3.69 11.41 1.71
C VAL A 70 -3.30 10.69 2.99
N GLU A 71 -3.69 11.24 4.13
CA GLU A 71 -3.47 10.65 5.43
C GLU A 71 -4.81 10.49 6.13
N VAL A 72 -5.13 9.27 6.54
CA VAL A 72 -6.33 9.01 7.31
C VAL A 72 -5.90 8.47 8.67
N GLU A 73 -6.37 9.13 9.73
CA GLU A 73 -6.17 8.67 11.10
C GLU A 73 -7.52 8.30 11.69
N ILE A 74 -7.59 7.13 12.32
CA ILE A 74 -8.81 6.63 12.91
C ILE A 74 -8.55 6.38 14.39
N ARG A 75 -9.32 7.02 15.25
CA ARG A 75 -9.17 6.85 16.68
C ARG A 75 -10.34 6.04 17.23
N ASN A 76 -10.04 5.23 18.24
CA ASN A 76 -11.01 4.29 18.82
C ASN A 76 -11.54 3.37 17.71
N SER A 77 -10.61 2.83 16.92
CA SER A 77 -10.94 2.06 15.74
C SER A 77 -11.16 0.59 16.08
N HIS A 78 -11.89 -0.07 15.19
CA HIS A 78 -12.05 -1.51 15.19
C HIS A 78 -11.50 -2.04 13.87
N GLU A 79 -11.09 -3.31 13.89
CA GLU A 79 -10.45 -3.90 12.72
C GLU A 79 -11.33 -3.77 11.48
N GLU A 80 -12.63 -4.01 11.64
CA GLU A 80 -13.55 -3.89 10.50
C GLU A 80 -13.46 -2.50 9.87
N GLU A 81 -13.40 -1.46 10.69
CA GLU A 81 -13.40 -0.10 10.16
C GLU A 81 -12.10 0.21 9.42
N VAL A 82 -10.97 -0.27 9.93
CA VAL A 82 -9.71 -0.12 9.23
C VAL A 82 -9.75 -0.82 7.88
N ARG A 83 -10.27 -2.06 7.87
CA ARG A 83 -10.36 -2.82 6.63
C ARG A 83 -11.22 -2.12 5.60
N GLN A 84 -12.31 -1.47 6.03
CA GLN A 84 -13.18 -0.79 5.08
C GLN A 84 -12.47 0.40 4.44
N ILE A 85 -11.77 1.19 5.25
CA ILE A 85 -11.13 2.40 4.76
C ILE A 85 -10.07 2.07 3.73
N ILE A 86 -9.28 1.03 3.99
CA ILE A 86 -8.30 0.60 3.00
C ILE A 86 -8.98 0.32 1.67
N GLU A 87 -10.14 -0.34 1.71
CA GLU A 87 -10.82 -0.74 0.49
C GLU A 87 -11.14 0.45 -0.41
N GLU A 88 -11.75 1.49 0.15
CA GLU A 88 -12.02 2.69 -0.65
C GLU A 88 -10.72 3.30 -1.17
N ILE A 89 -9.63 3.12 -0.43
CA ILE A 89 -8.33 3.64 -0.83
C ILE A 89 -7.67 2.72 -1.86
N GLU A 90 -7.87 1.40 -1.73
CA GLU A 90 -7.22 0.44 -2.62
C GLU A 90 -7.52 0.73 -4.09
N ARG A 91 -8.72 1.23 -4.39
CA ARG A 91 -9.07 1.55 -5.77
C ARG A 91 -8.13 2.58 -6.37
N TRP A 92 -7.83 3.65 -5.63
CA TRP A 92 -6.89 4.65 -6.12
C TRP A 92 -5.52 4.06 -6.39
N VAL A 93 -5.00 3.28 -5.43
CA VAL A 93 -3.65 2.72 -5.60
C VAL A 93 -3.60 1.81 -6.81
N ARG A 94 -4.60 0.94 -6.96
CA ARG A 94 -4.61 0.00 -8.08
C ARG A 94 -4.80 0.69 -9.42
N LYS A 95 -5.73 1.64 -9.50
CA LYS A 95 -6.10 2.23 -10.78
C LYS A 95 -5.03 3.19 -11.28
N MET A 96 -4.53 4.05 -10.42
CA MET A 96 -3.58 5.10 -10.79
C MET A 96 -2.13 4.77 -10.45
N GLY A 97 -1.88 3.61 -9.86
CA GLY A 97 -0.55 3.36 -9.34
C GLY A 97 -0.30 4.20 -8.11
N GLY A 98 0.71 3.87 -7.35
CA GLY A 98 1.01 4.67 -6.19
C GLY A 98 1.37 3.80 -5.01
N GLU A 99 1.39 4.43 -3.85
CA GLU A 99 1.93 3.84 -2.64
C GLU A 99 0.92 3.94 -1.51
N LEU A 100 0.84 2.89 -0.70
CA LEU A 100 -0.04 2.85 0.44
C LEU A 100 0.76 2.37 1.65
N ARG A 101 0.48 2.96 2.79
CA ARG A 101 1.26 2.66 3.98
C ARG A 101 0.33 2.58 5.17
N VAL A 102 0.49 1.54 5.99
CA VAL A 102 -0.34 1.32 7.16
C VAL A 102 0.55 1.34 8.40
N GLU A 103 0.25 2.26 9.32
CA GLU A 103 0.94 2.41 10.60
C GLU A 103 -0.04 1.99 11.68
N LYS A 104 0.19 0.82 12.28
CA LYS A 104 -0.69 0.30 13.32
C LYS A 104 -0.38 0.92 14.68
N HIS B 4 45.23 -9.36 -1.07
CA HIS B 4 44.75 -9.25 -2.44
C HIS B 4 43.25 -8.97 -2.51
N HIS B 5 42.87 -8.17 -3.51
CA HIS B 5 41.49 -7.71 -3.67
C HIS B 5 40.76 -8.60 -4.66
N HIS B 6 39.47 -8.81 -4.38
CA HIS B 6 38.65 -9.70 -5.19
C HIS B 6 37.34 -9.01 -5.57
N HIS B 7 36.77 -9.48 -6.67
CA HIS B 7 35.48 -9.02 -7.14
C HIS B 7 34.62 -10.24 -7.44
N HIS B 8 33.43 -10.26 -6.85
CA HIS B 8 32.40 -11.21 -7.22
C HIS B 8 31.20 -10.43 -7.73
N GLY B 9 30.73 -10.80 -8.90
CA GLY B 9 29.59 -10.15 -9.52
C GLY B 9 28.57 -11.16 -9.95
N TRP B 10 27.31 -10.74 -9.92
CA TRP B 10 26.21 -11.57 -10.38
C TRP B 10 25.19 -10.65 -11.01
N SER B 11 24.66 -11.05 -12.16
CA SER B 11 23.63 -10.26 -12.80
C SER B 11 22.60 -11.16 -13.47
N GLU B 12 21.39 -10.63 -13.58
CA GLU B 12 20.32 -11.28 -14.33
C GLU B 12 19.60 -10.24 -15.17
N ASN B 13 19.39 -10.53 -16.44
CA ASN B 13 18.66 -9.64 -17.31
C ASN B 13 17.57 -10.43 -18.01
N LEU B 14 16.37 -9.87 -18.02
CA LEU B 14 15.22 -10.52 -18.63
C LEU B 14 14.67 -9.61 -19.73
N TYR B 15 14.55 -10.16 -20.94
CA TYR B 15 14.00 -9.45 -22.08
C TYR B 15 12.71 -10.14 -22.50
N PHE B 16 11.61 -9.38 -22.51
CA PHE B 16 10.29 -9.92 -22.81
C PHE B 16 9.41 -8.82 -23.39
N GLN B 17 8.20 -9.19 -23.78
CA GLN B 17 7.20 -8.28 -24.32
C GLN B 17 5.86 -8.54 -23.62
N GLY B 18 5.00 -7.53 -23.65
CA GLY B 18 3.65 -7.65 -23.12
C GLY B 18 3.41 -6.70 -21.96
N SER B 19 2.23 -6.83 -21.38
CA SER B 19 1.87 -5.99 -20.24
C SER B 19 2.45 -6.57 -18.96
N THR B 20 2.81 -5.69 -18.03
CA THR B 20 3.37 -6.10 -16.75
C THR B 20 2.86 -5.18 -15.65
N VAL B 21 2.44 -5.77 -14.55
CA VAL B 21 2.09 -5.05 -13.34
C VAL B 21 3.02 -5.51 -12.24
N ARG B 22 3.63 -4.55 -11.55
CA ARG B 22 4.57 -4.83 -10.47
C ARG B 22 3.98 -4.35 -9.16
N ILE B 23 4.06 -5.21 -8.15
CA ILE B 23 3.58 -4.93 -6.80
C ILE B 23 4.75 -5.11 -5.87
N GLU B 24 4.99 -4.13 -5.03
CA GLU B 24 6.05 -4.15 -4.05
C GLU B 24 5.45 -3.99 -2.66
N ILE B 25 5.95 -4.77 -1.70
CA ILE B 25 5.63 -4.57 -0.29
C ILE B 25 6.92 -4.56 0.52
N ARG B 26 6.91 -3.74 1.56
CA ARG B 26 8.02 -3.65 2.50
C ARG B 26 7.46 -3.67 3.91
N PHE B 27 8.05 -4.49 4.78
CA PHE B 27 7.68 -4.48 6.18
C PHE B 27 8.88 -4.81 7.05
N THR B 28 8.74 -4.52 8.33
CA THR B 28 9.73 -4.91 9.33
C THR B 28 9.08 -5.87 10.32
N ASN B 29 9.68 -7.04 10.48
CA ASN B 29 9.18 -8.04 11.43
C ASN B 29 10.39 -8.75 12.03
N MET B 30 10.52 -8.69 13.35
CA MET B 30 11.57 -9.44 14.01
C MET B 30 11.24 -10.92 14.14
N ARG B 31 10.05 -11.34 13.71
CA ARG B 31 9.65 -12.74 13.69
C ARG B 31 10.24 -13.39 12.43
N ARG B 32 11.53 -13.75 12.54
CA ARG B 32 12.26 -14.24 11.38
C ARG B 32 11.66 -15.52 10.82
N GLU B 33 11.45 -16.52 11.68
CA GLU B 33 10.92 -17.80 11.22
C GLU B 33 9.45 -17.71 10.85
N GLU B 34 8.68 -16.88 11.56
CA GLU B 34 7.25 -16.75 11.24
C GLU B 34 7.04 -16.17 9.85
N VAL B 35 7.72 -15.06 9.55
CA VAL B 35 7.61 -14.46 8.21
C VAL B 35 8.08 -15.44 7.15
N GLN B 36 9.11 -16.23 7.45
CA GLN B 36 9.60 -17.23 6.50
C GLN B 36 8.49 -18.19 6.10
N LYS B 37 7.72 -18.68 7.07
CA LYS B 37 6.62 -19.59 6.75
C LYS B 37 5.55 -18.90 5.93
N GLU B 38 5.28 -17.61 6.21
CA GLU B 38 4.31 -16.88 5.41
C GLU B 38 4.83 -16.63 4.00
N LEU B 39 6.14 -16.41 3.85
CA LEU B 39 6.70 -16.21 2.52
C LEU B 39 6.75 -17.52 1.74
N GLU B 40 7.13 -18.62 2.40
CA GLU B 40 7.17 -19.91 1.71
C GLU B 40 5.78 -20.36 1.31
N LYS B 41 4.76 -19.99 2.07
CA LYS B 41 3.38 -20.28 1.68
C LYS B 41 2.92 -19.36 0.56
N PHE B 42 3.30 -18.08 0.62
CA PHE B 42 2.88 -17.13 -0.41
C PHE B 42 3.45 -17.49 -1.77
N LYS B 43 4.73 -17.88 -1.81
CA LYS B 43 5.30 -18.41 -3.04
C LYS B 43 4.50 -19.61 -3.54
N GLU B 44 4.07 -20.47 -2.63
CA GLU B 44 3.26 -21.62 -3.04
C GLU B 44 1.90 -21.16 -3.57
N ARG B 45 1.35 -20.10 -2.99
CA ARG B 45 0.10 -19.55 -3.50
C ARG B 45 0.30 -18.96 -4.90
N LEU B 46 1.43 -18.29 -5.13
CA LEU B 46 1.69 -17.72 -6.46
C LEU B 46 1.91 -18.81 -7.50
N LYS B 47 2.57 -19.91 -7.12
CA LYS B 47 2.75 -21.02 -8.05
C LYS B 47 1.41 -21.66 -8.41
N GLU B 48 0.51 -21.79 -7.45
CA GLU B 48 -0.82 -22.31 -7.74
C GLU B 48 -1.57 -21.38 -8.68
N LEU B 49 -1.52 -20.07 -8.40
CA LEU B 49 -2.20 -19.10 -9.25
C LEU B 49 -1.66 -19.13 -10.67
N GLU B 50 -0.36 -19.39 -10.82
CA GLU B 50 0.21 -19.49 -12.16
C GLU B 50 -0.33 -20.70 -12.92
N LYS B 51 -0.52 -21.82 -12.21
CA LYS B 51 -0.99 -23.04 -12.87
C LYS B 51 -2.40 -22.87 -13.44
N ARG B 52 -3.28 -22.20 -12.69
CA ARG B 52 -4.67 -22.10 -13.10
C ARG B 52 -4.90 -21.07 -14.21
N THR B 53 -4.00 -20.11 -14.38
CA THR B 53 -4.23 -19.00 -15.30
C THR B 53 -3.28 -18.99 -16.49
N GLY B 54 -2.27 -19.85 -16.53
CA GLY B 54 -1.34 -19.87 -17.63
C GLY B 54 -0.45 -18.66 -17.74
N SER B 55 -0.56 -17.70 -16.82
CA SER B 55 0.24 -16.49 -16.84
C SER B 55 1.60 -16.78 -16.25
N GLU B 56 2.49 -15.79 -16.29
CA GLU B 56 3.82 -15.93 -15.71
C GLU B 56 3.97 -14.99 -14.54
N ILE B 57 4.50 -15.52 -13.44
CA ILE B 57 4.63 -14.78 -12.18
C ILE B 57 6.08 -14.86 -11.73
N ARG B 58 6.66 -13.71 -11.39
CA ARG B 58 7.99 -13.65 -10.79
C ARG B 58 7.87 -12.98 -9.43
N ILE B 59 8.49 -13.58 -8.41
CA ILE B 59 8.52 -13.01 -7.08
C ILE B 59 9.97 -12.87 -6.64
N GLU B 60 10.32 -11.69 -6.14
CA GLU B 60 11.63 -11.41 -5.60
C GLU B 60 11.47 -11.06 -4.13
N ILE B 61 12.31 -11.65 -3.28
CA ILE B 61 12.27 -11.43 -1.85
C ILE B 61 13.65 -11.00 -1.40
N GLU B 62 13.72 -9.90 -0.66
CA GLU B 62 14.96 -9.45 -0.05
C GLU B 62 14.74 -9.29 1.45
N GLU B 63 15.65 -9.85 2.23
CA GLU B 63 15.55 -9.85 3.68
C GLU B 63 16.84 -9.30 4.25
N ARG B 64 16.73 -8.29 5.11
CA ARG B 64 17.92 -7.76 5.78
C ARG B 64 17.55 -7.52 7.23
N ASP B 65 17.92 -8.47 8.09
CA ASP B 65 17.80 -8.37 9.55
C ASP B 65 16.46 -7.75 9.97
N GLY B 66 15.39 -8.46 9.61
CA GLY B 66 14.05 -8.07 9.97
C GLY B 66 13.32 -7.23 8.94
N GLU B 67 14.05 -6.52 8.09
CA GLU B 67 13.42 -5.78 7.00
C GLU B 67 13.20 -6.72 5.82
N VAL B 68 11.96 -6.80 5.34
CA VAL B 68 11.59 -7.70 4.26
C VAL B 68 11.01 -6.86 3.14
N ARG B 69 11.49 -7.10 1.92
CA ARG B 69 10.97 -6.44 0.73
C ARG B 69 10.58 -7.51 -0.26
N VAL B 70 9.36 -7.42 -0.78
CA VAL B 70 8.82 -8.40 -1.72
C VAL B 70 8.37 -7.67 -2.97
N GLU B 71 8.73 -8.19 -4.14
CA GLU B 71 8.30 -7.66 -5.42
C GLU B 71 7.66 -8.77 -6.23
N VAL B 72 6.44 -8.55 -6.69
CA VAL B 72 5.73 -9.51 -7.54
C VAL B 72 5.51 -8.87 -8.89
N GLU B 73 5.93 -9.55 -9.95
CA GLU B 73 5.69 -9.14 -11.32
C GLU B 73 4.72 -10.11 -11.98
N ILE B 74 3.71 -9.58 -12.64
CA ILE B 74 2.70 -10.39 -13.33
C ILE B 74 2.69 -9.99 -14.79
N ARG B 75 2.93 -10.95 -15.67
CA ARG B 75 2.92 -10.74 -17.10
C ARG B 75 1.76 -11.47 -17.75
N ASN B 76 1.23 -10.89 -18.83
CA ASN B 76 0.10 -11.45 -19.57
C ASN B 76 -1.09 -11.70 -18.64
N SER B 77 -1.42 -10.69 -17.85
CA SER B 77 -2.45 -10.80 -16.84
C SER B 77 -3.82 -10.54 -17.43
N GLU B 80 -7.81 -9.82 -13.58
CA GLU B 80 -8.60 -10.71 -12.73
C GLU B 80 -7.72 -11.33 -11.65
N GLU B 81 -6.45 -11.53 -11.99
CA GLU B 81 -5.46 -12.01 -11.03
C GLU B 81 -4.66 -10.89 -10.39
N VAL B 82 -4.38 -9.81 -11.13
CA VAL B 82 -3.69 -8.66 -10.56
C VAL B 82 -4.51 -8.09 -9.41
N ARG B 83 -5.81 -7.88 -9.63
CA ARG B 83 -6.67 -7.38 -8.57
C ARG B 83 -6.70 -8.34 -7.39
N GLN B 84 -6.65 -9.64 -7.67
CA GLN B 84 -6.66 -10.63 -6.60
C GLN B 84 -5.37 -10.58 -5.78
N ILE B 85 -4.22 -10.49 -6.46
CA ILE B 85 -2.94 -10.47 -5.75
C ILE B 85 -2.83 -9.24 -4.87
N ILE B 86 -3.22 -8.08 -5.41
CA ILE B 86 -3.21 -6.84 -4.63
C ILE B 86 -4.04 -7.02 -3.36
N GLU B 87 -5.24 -7.59 -3.50
CA GLU B 87 -6.13 -7.76 -2.35
C GLU B 87 -5.49 -8.65 -1.29
N GLU B 88 -4.96 -9.80 -1.71
CA GLU B 88 -4.28 -10.71 -0.79
C GLU B 88 -3.09 -10.04 -0.13
N ILE B 89 -2.44 -9.10 -0.82
CA ILE B 89 -1.31 -8.40 -0.26
C ILE B 89 -1.76 -7.32 0.72
N GLU B 90 -2.84 -6.62 0.39
CA GLU B 90 -3.34 -5.58 1.28
C GLU B 90 -3.72 -6.14 2.64
N ARG B 91 -4.26 -7.37 2.67
CA ARG B 91 -4.55 -8.02 3.94
C ARG B 91 -3.27 -8.19 4.75
N TRP B 92 -2.20 -8.61 4.08
CA TRP B 92 -0.89 -8.72 4.72
C TRP B 92 -0.45 -7.37 5.28
N VAL B 93 -0.51 -6.33 4.45
CA VAL B 93 -0.07 -5.00 4.87
C VAL B 93 -0.89 -4.53 6.07
N ARG B 94 -2.21 -4.77 6.04
CA ARG B 94 -3.08 -4.31 7.10
C ARG B 94 -2.75 -4.99 8.42
N LYS B 95 -2.46 -6.30 8.39
CA LYS B 95 -2.30 -7.03 9.64
C LYS B 95 -1.00 -6.66 10.35
N MET B 96 0.11 -6.57 9.61
CA MET B 96 1.40 -6.31 10.24
C MET B 96 1.84 -4.85 10.13
N GLY B 97 1.05 -4.01 9.47
CA GLY B 97 1.56 -2.71 9.11
C GLY B 97 2.58 -2.87 8.02
N GLY B 98 2.92 -1.80 7.35
CA GLY B 98 3.90 -1.84 6.31
C GLY B 98 3.48 -1.00 5.13
N GLU B 99 4.18 -1.22 4.02
CA GLU B 99 4.06 -0.37 2.84
C GLU B 99 3.85 -1.24 1.60
N LEU B 100 3.01 -0.75 0.69
CA LEU B 100 2.77 -1.39 -0.57
C LEU B 100 2.77 -0.37 -1.70
N ARG B 101 3.29 -0.77 -2.85
CA ARG B 101 3.42 0.11 -4.00
C ARG B 101 3.03 -0.66 -5.25
N VAL B 102 2.21 -0.02 -6.08
CA VAL B 102 1.71 -0.58 -7.33
C VAL B 102 2.25 0.28 -8.46
N GLU B 103 2.99 -0.33 -9.39
CA GLU B 103 3.49 0.34 -10.59
C GLU B 103 2.78 -0.28 -11.79
N LYS B 104 1.81 0.45 -12.34
CA LYS B 104 1.03 -0.05 -13.46
C LYS B 104 1.75 0.17 -14.78
#